data_6YNT
#
_entry.id   6YNT
#
_cell.length_a   72.524
_cell.length_b   74.460
_cell.length_c   80.359
_cell.angle_alpha   90.000
_cell.angle_beta   90.000
_cell.angle_gamma   90.000
#
_symmetry.space_group_name_H-M   'P 21 21 21'
#
loop_
_entity.id
_entity.type
_entity.pdbx_description
1 polymer 'cAMP-dependent protein kinase catalytic subunit alpha'
2 polymer 'cAMP-dependent protein kinase inhibitor alpha'
3 non-polymer (4S)-2-METHYL-2,4-PENTANEDIOL
4 non-polymer 'DIMETHYL SULFOXIDE'
5 non-polymer 5-(1,4-diazepan-1-ylsulfonyl)isoquinolin-1-amine
6 non-polymer (4R)-2-METHYLPENTANE-2,4-DIOL
7 water water
#
loop_
_entity_poly.entity_id
_entity_poly.type
_entity_poly.pdbx_seq_one_letter_code
_entity_poly.pdbx_strand_id
1 'polypeptide(L)'
;GHMGNAAAAKKG(SEP)EQESVKEFLAKAKEEFLKKWESPSQNTAQLDHFDRIKTLGTGSFGRVMLVKHKETGNHYAMKI
LDKQKVVKLKQIEHTLNEKRILQAVNFPFLVKLEFSFKDNSNLYMVMEYVPGGEMFSHLRRIGRFSEPHARFYAAQIVLT
FEYLHSLDLIYRDLKPENLLIDQQGYIQVTDFGFAKRVKGRTW(TPO)LCGTPEYLAPEIILSKGYNKAVDWWALGVLIY
EMAAGYPPFFADQPIQIYEKIVSGKVRFPSHFSSDLKDLLRNLLQVDLTKRFGNLKNGVNDIKNHKWFATTDWIAIYQRK
VEAPFIPKFKGPGDTSNFDDYEEEEIRV(SEP)INEKCGKEFTEF
;
A
2 'polypeptide(L)' TTYADFIASGRTGRRNAIHD B
#
loop_
_chem_comp.id
_chem_comp.type
_chem_comp.name
_chem_comp.formula
DMS non-polymer 'DIMETHYL SULFOXIDE' 'C2 H6 O S'
LRT non-polymer 5-(1,4-diazepan-1-ylsulfonyl)isoquinolin-1-amine 'C14 H18 N4 O2 S'
MPD non-polymer (4S)-2-METHYL-2,4-PENTANEDIOL 'C6 H14 O2'
MRD non-polymer (4R)-2-METHYLPENTANE-2,4-DIOL 'C6 H14 O2'
#
# COMPACT_ATOMS: atom_id res chain seq x y z
N ALA A 8 -13.41 -18.77 -13.92
CA ALA A 8 -13.31 -18.02 -12.67
C ALA A 8 -14.07 -18.72 -11.54
N ALA A 9 -15.08 -19.52 -11.90
CA ALA A 9 -15.82 -20.27 -10.91
C ALA A 9 -15.20 -21.62 -10.60
N LYS A 10 -14.36 -22.15 -11.49
CA LYS A 10 -13.82 -23.49 -11.29
C LYS A 10 -13.06 -23.56 -9.97
N LYS A 11 -13.34 -24.60 -9.19
CA LYS A 11 -12.62 -24.90 -7.95
C LYS A 11 -11.90 -26.23 -8.15
N GLY A 12 -10.67 -26.17 -8.67
CA GLY A 12 -9.84 -27.34 -8.89
C GLY A 12 -8.64 -27.39 -7.96
N SEP A 13 -7.66 -28.24 -8.28
N SEP A 13 -7.65 -28.23 -8.30
CA SEP A 13 -6.50 -28.44 -7.40
CA SEP A 13 -6.51 -28.45 -7.42
CB SEP A 13 -5.52 -29.41 -8.04
CB SEP A 13 -5.55 -29.50 -8.03
OG SEP A 13 -5.10 -28.87 -9.28
OG SEP A 13 -6.12 -30.80 -7.90
C SEP A 13 -5.78 -27.14 -7.06
C SEP A 13 -5.72 -27.18 -7.09
O SEP A 13 -5.37 -26.94 -5.92
O SEP A 13 -5.26 -27.03 -5.96
P SEP A 13 -3.65 -29.42 -9.69
P SEP A 13 -5.10 -32.03 -8.25
O1P SEP A 13 -3.25 -28.65 -11.05
O1P SEP A 13 -4.33 -31.74 -9.62
O2P SEP A 13 -2.58 -29.04 -8.55
O2P SEP A 13 -4.06 -32.22 -7.05
O3P SEP A 13 -3.70 -31.00 -9.92
O3P SEP A 13 -6.02 -33.33 -8.37
N GLU A 14 -5.58 -26.27 -8.03
CA GLU A 14 -4.87 -25.03 -7.77
C GLU A 14 -5.59 -24.16 -6.74
N GLN A 15 -6.91 -24.11 -6.86
CA GLN A 15 -7.73 -23.38 -5.90
C GLN A 15 -7.65 -24.00 -4.51
N GLU A 16 -7.64 -25.34 -4.43
CA GLU A 16 -7.53 -25.96 -3.11
C GLU A 16 -6.17 -25.66 -2.50
N SER A 17 -5.10 -25.62 -3.31
CA SER A 17 -3.78 -25.30 -2.77
C SER A 17 -3.75 -23.89 -2.21
N VAL A 18 -4.38 -22.93 -2.91
CA VAL A 18 -4.49 -21.57 -2.39
C VAL A 18 -5.20 -21.58 -1.05
N LYS A 19 -6.32 -22.28 -1.00
CA LYS A 19 -7.09 -22.37 0.25
C LYS A 19 -6.22 -22.91 1.39
N GLU A 20 -5.47 -23.98 1.13
CA GLU A 20 -4.65 -24.56 2.18
C GLU A 20 -3.57 -23.60 2.62
N PHE A 21 -2.91 -22.93 1.67
CA PHE A 21 -1.89 -21.95 2.01
C PHE A 21 -2.46 -20.85 2.89
N LEU A 22 -3.63 -20.33 2.53
CA LEU A 22 -4.23 -19.25 3.30
C LEU A 22 -4.66 -19.70 4.68
N ALA A 23 -5.11 -20.96 4.82
CA ALA A 23 -5.46 -21.48 6.14
C ALA A 23 -4.24 -21.48 7.06
N LYS A 24 -3.09 -21.98 6.58
CA LYS A 24 -1.89 -21.97 7.42
C LYS A 24 -1.43 -20.54 7.68
N ALA A 25 -1.54 -19.68 6.67
CA ALA A 25 -1.16 -18.28 6.86
C ALA A 25 -1.99 -17.63 7.94
N LYS A 26 -3.29 -17.98 8.02
CA LYS A 26 -4.15 -17.38 9.02
C LYS A 26 -3.81 -17.89 10.42
N GLU A 27 -3.48 -19.17 10.55
CA GLU A 27 -3.09 -19.68 11.86
C GLU A 27 -1.86 -18.94 12.38
N GLU A 28 -0.88 -18.69 11.52
CA GLU A 28 0.32 -17.98 11.95
C GLU A 28 0.02 -16.52 12.27
N PHE A 29 -0.76 -15.86 11.42
CA PHE A 29 -1.16 -14.48 11.67
C PHE A 29 -1.87 -14.33 13.01
N LEU A 30 -2.84 -15.20 13.29
CA LEU A 30 -3.64 -15.03 14.49
C LEU A 30 -2.81 -15.20 15.76
N LYS A 31 -1.80 -16.08 15.73
CA LYS A 31 -0.93 -16.21 16.91
C LYS A 31 -0.28 -14.87 17.23
N LYS A 32 0.20 -14.18 16.21
CA LYS A 32 0.87 -12.88 16.41
C LYS A 32 -0.15 -11.77 16.68
N TRP A 33 -1.32 -11.84 16.05
CA TRP A 33 -2.38 -10.87 16.30
C TRP A 33 -2.80 -10.89 17.77
N GLU A 34 -2.92 -12.09 18.34
CA GLU A 34 -3.38 -12.19 19.72
C GLU A 34 -2.29 -11.90 20.74
N SER A 35 -1.03 -12.11 20.36
CA SER A 35 0.11 -11.88 21.26
C SER A 35 1.17 -11.03 20.55
N PRO A 36 0.91 -9.72 20.41
CA PRO A 36 1.82 -8.88 19.61
C PRO A 36 3.16 -8.65 20.27
N SER A 37 4.17 -8.52 19.43
CA SER A 37 5.49 -8.14 19.92
C SER A 37 5.48 -6.67 20.30
N GLN A 38 6.30 -6.36 21.30
N GLN A 38 6.26 -6.35 21.34
CA GLN A 38 6.37 -5.04 21.91
CA GLN A 38 6.32 -5.02 21.92
C GLN A 38 7.79 -4.78 22.34
C GLN A 38 7.73 -4.75 22.45
N ASN A 39 8.23 -3.53 22.22
CA ASN A 39 9.44 -3.02 22.88
C ASN A 39 10.66 -3.86 22.54
N THR A 40 10.92 -4.00 21.25
CA THR A 40 11.93 -4.94 20.77
C THR A 40 13.23 -4.25 20.36
N ALA A 41 13.33 -2.94 20.51
CA ALA A 41 14.59 -2.23 20.43
C ALA A 41 14.44 -0.89 21.17
N GLN A 42 15.47 -0.05 21.08
CA GLN A 42 15.41 1.31 21.62
C GLN A 42 16.16 2.24 20.68
N LEU A 43 15.96 3.54 20.87
CA LEU A 43 16.43 4.50 19.87
C LEU A 43 17.94 4.47 19.68
N ASP A 44 18.73 4.35 20.78
CA ASP A 44 20.19 4.41 20.61
C ASP A 44 20.77 3.10 20.09
N HIS A 45 19.92 2.13 19.69
CA HIS A 45 20.41 0.99 18.93
C HIS A 45 20.66 1.35 17.46
N PHE A 46 20.31 2.56 17.03
CA PHE A 46 20.35 2.95 15.63
C PHE A 46 21.06 4.27 15.46
N ASP A 47 21.81 4.38 14.38
CA ASP A 47 22.33 5.65 13.90
C ASP A 47 21.37 6.17 12.84
N ARG A 48 20.95 7.41 12.98
CA ARG A 48 20.03 8.00 12.01
C ARG A 48 20.82 8.69 10.90
N ILE A 49 20.44 8.41 9.66
CA ILE A 49 21.21 8.80 8.49
C ILE A 49 20.51 9.91 7.69
N LYS A 50 19.27 9.69 7.26
CA LYS A 50 18.64 10.60 6.31
C LYS A 50 17.14 10.35 6.27
N THR A 51 16.36 11.42 6.06
CA THR A 51 14.92 11.27 5.88
C THR A 51 14.58 10.76 4.49
N LEU A 52 13.79 9.68 4.43
CA LEU A 52 13.34 9.05 3.20
C LEU A 52 11.96 9.52 2.75
N GLY A 53 11.14 10.03 3.67
CA GLY A 53 9.82 10.51 3.33
C GLY A 53 9.17 11.09 4.56
N THR A 54 8.10 11.85 4.34
CA THR A 54 7.39 12.42 5.48
C THR A 54 5.91 12.12 5.38
N GLY A 55 5.21 12.38 6.49
CA GLY A 55 3.78 12.15 6.60
C GLY A 55 3.21 13.06 7.67
N SER A 56 1.91 12.90 7.95
CA SER A 56 1.28 13.86 8.86
C SER A 56 1.69 13.66 10.32
N PHE A 57 2.28 12.52 10.68
CA PHE A 57 2.62 12.26 12.08
C PHE A 57 4.11 12.38 12.36
N GLY A 58 4.95 12.49 11.34
CA GLY A 58 6.40 12.46 11.50
C GLY A 58 7.12 12.15 10.21
N ARG A 59 8.15 11.32 10.27
CA ARG A 59 8.97 11.05 9.11
C ARG A 59 9.37 9.57 9.09
N VAL A 60 9.82 9.12 7.91
CA VAL A 60 10.52 7.84 7.76
C VAL A 60 11.98 8.15 7.53
N MET A 61 12.86 7.57 8.34
CA MET A 61 14.30 7.82 8.26
C MET A 61 15.06 6.56 7.94
N LEU A 62 16.06 6.70 7.09
CA LEU A 62 17.06 5.64 6.93
C LEU A 62 17.91 5.61 8.20
N VAL A 63 18.06 4.43 8.78
CA VAL A 63 18.91 4.24 9.96
C VAL A 63 19.80 3.02 9.75
N LYS A 64 20.88 2.96 10.53
CA LYS A 64 21.74 1.78 10.58
C LYS A 64 21.69 1.20 11.98
N HIS A 65 21.33 -0.08 12.07
CA HIS A 65 21.34 -0.81 13.32
C HIS A 65 22.78 -1.08 13.74
N LYS A 66 23.17 -0.58 14.91
CA LYS A 66 24.58 -0.64 15.31
C LYS A 66 25.09 -2.07 15.46
N GLU A 67 24.31 -2.93 16.11
CA GLU A 67 24.84 -4.26 16.46
C GLU A 67 25.01 -5.16 15.24
N THR A 68 24.27 -4.93 14.16
CA THR A 68 24.37 -5.73 12.95
C THR A 68 24.90 -4.99 11.74
N GLY A 69 24.88 -3.65 11.73
CA GLY A 69 25.18 -2.91 10.54
C GLY A 69 24.11 -2.96 9.47
N ASN A 70 22.96 -3.56 9.74
CA ASN A 70 21.87 -3.56 8.78
C ASN A 70 21.24 -2.18 8.69
N HIS A 71 20.80 -1.82 7.49
CA HIS A 71 20.03 -0.60 7.30
C HIS A 71 18.54 -0.89 7.36
N TYR A 72 17.80 0.06 7.92
CA TYR A 72 16.36 -0.04 8.09
C TYR A 72 15.73 1.30 7.80
N ALA A 73 14.43 1.25 7.55
CA ALA A 73 13.59 2.44 7.45
C ALA A 73 12.79 2.53 8.74
N MET A 74 13.00 3.62 9.48
N MET A 74 13.01 3.60 9.49
CA MET A 74 12.39 3.88 10.80
CA MET A 74 12.34 3.81 10.76
C MET A 74 11.30 4.93 10.66
C MET A 74 11.28 4.89 10.62
N LYS A 75 10.04 4.50 10.80
CA LYS A 75 8.90 5.42 10.81
C LYS A 75 8.75 5.96 12.22
N ILE A 76 8.70 7.29 12.32
CA ILE A 76 8.63 8.00 13.59
C ILE A 76 7.30 8.73 13.63
N LEU A 77 6.50 8.48 14.66
CA LEU A 77 5.21 9.15 14.84
C LEU A 77 5.21 9.91 16.16
N ASP A 78 4.85 11.19 16.11
CA ASP A 78 4.72 12.01 17.30
C ASP A 78 3.38 11.69 17.97
N LYS A 79 3.39 11.18 19.21
CA LYS A 79 2.15 10.73 19.82
C LYS A 79 1.14 11.87 19.93
N GLN A 80 1.60 13.07 20.31
CA GLN A 80 0.68 14.20 20.45
C GLN A 80 0.03 14.56 19.13
N LYS A 81 0.79 14.46 18.03
CA LYS A 81 0.20 14.72 16.72
C LYS A 81 -0.80 13.63 16.34
N VAL A 82 -0.51 12.38 16.65
CA VAL A 82 -1.46 11.29 16.39
C VAL A 82 -2.79 11.55 17.12
N VAL A 83 -2.70 11.98 18.38
CA VAL A 83 -3.91 12.27 19.14
C VAL A 83 -4.69 13.43 18.51
N LYS A 84 -3.99 14.52 18.16
CA LYS A 84 -4.69 15.67 17.57
C LYS A 84 -5.41 15.31 16.29
N LEU A 85 -4.83 14.41 15.47
CA LEU A 85 -5.44 13.99 14.23
C LEU A 85 -6.45 12.85 14.41
N LYS A 86 -6.74 12.47 15.66
CA LYS A 86 -7.70 11.42 15.98
C LYS A 86 -7.34 10.10 15.30
N GLN A 87 -6.05 9.78 15.31
CA GLN A 87 -5.52 8.59 14.67
C GLN A 87 -4.98 7.56 15.65
N ILE A 88 -5.39 7.63 16.93
CA ILE A 88 -4.87 6.69 17.93
C ILE A 88 -5.18 5.26 17.52
N GLU A 89 -6.47 4.94 17.35
CA GLU A 89 -6.83 3.55 17.07
C GLU A 89 -6.26 3.08 15.75
N HIS A 90 -6.22 3.97 14.75
CA HIS A 90 -5.62 3.60 13.47
C HIS A 90 -4.15 3.28 13.61
N THR A 91 -3.43 4.01 14.48
CA THR A 91 -2.00 3.75 14.65
C THR A 91 -1.78 2.44 15.41
N LEU A 92 -2.66 2.14 16.36
CA LEU A 92 -2.59 0.86 17.03
C LEU A 92 -2.90 -0.27 16.06
N ASN A 93 -3.89 -0.07 15.18
CA ASN A 93 -4.14 -1.05 14.11
C ASN A 93 -2.90 -1.28 13.28
N GLU A 94 -2.29 -0.18 12.82
CA GLU A 94 -1.15 -0.25 11.91
C GLU A 94 -0.08 -1.16 12.46
N LYS A 95 0.35 -0.90 13.70
CA LYS A 95 1.44 -1.66 14.27
C LYS A 95 1.02 -3.08 14.61
N ARG A 96 -0.18 -3.29 15.15
CA ARG A 96 -0.60 -4.63 15.50
C ARG A 96 -0.69 -5.52 14.26
N ILE A 97 -1.18 -4.96 13.17
CA ILE A 97 -1.28 -5.72 11.92
C ILE A 97 0.10 -5.96 11.32
N LEU A 98 0.91 -4.91 11.23
CA LEU A 98 2.20 -5.06 10.55
C LEU A 98 3.09 -6.07 11.28
N GLN A 99 3.04 -6.11 12.62
CA GLN A 99 3.89 -7.08 13.31
C GLN A 99 3.39 -8.51 13.17
N ALA A 100 2.16 -8.72 12.67
CA ALA A 100 1.57 -10.05 12.58
C ALA A 100 1.59 -10.66 11.19
N VAL A 101 1.74 -9.85 10.15
CA VAL A 101 1.64 -10.33 8.78
C VAL A 101 2.98 -10.86 8.29
N ASN A 102 2.93 -11.64 7.21
CA ASN A 102 4.11 -12.27 6.61
C ASN A 102 3.73 -12.61 5.18
N PHE A 103 4.24 -11.84 4.21
CA PHE A 103 3.96 -12.09 2.80
C PHE A 103 5.04 -11.43 1.98
N PRO A 104 5.39 -11.99 0.82
CA PRO A 104 6.60 -11.49 0.12
C PRO A 104 6.50 -10.04 -0.30
N PHE A 105 5.30 -9.52 -0.51
CA PHE A 105 5.13 -8.16 -1.01
C PHE A 105 4.66 -7.18 0.05
N LEU A 106 4.80 -7.54 1.32
CA LEU A 106 4.54 -6.66 2.46
C LEU A 106 5.87 -6.35 3.14
N VAL A 107 6.11 -5.06 3.42
CA VAL A 107 7.31 -4.70 4.14
C VAL A 107 7.36 -5.42 5.48
N LYS A 108 8.57 -5.79 5.90
CA LYS A 108 8.78 -6.54 7.13
C LYS A 108 9.11 -5.60 8.27
N LEU A 109 8.30 -5.64 9.32
CA LEU A 109 8.58 -4.90 10.55
C LEU A 109 9.57 -5.71 11.37
N GLU A 110 10.73 -5.13 11.66
CA GLU A 110 11.78 -5.81 12.41
C GLU A 110 11.79 -5.46 13.89
N PHE A 111 11.48 -4.22 14.24
CA PHE A 111 11.46 -3.75 15.61
C PHE A 111 10.38 -2.69 15.77
N SER A 112 9.86 -2.56 17.00
CA SER A 112 9.03 -1.41 17.33
C SER A 112 9.28 -1.08 18.80
N PHE A 113 9.06 0.17 19.14
CA PHE A 113 9.21 0.66 20.51
C PHE A 113 8.65 2.07 20.55
N LYS A 114 8.62 2.64 21.76
CA LYS A 114 8.13 4.00 21.94
C LYS A 114 8.95 4.64 23.05
N ASP A 115 8.89 5.96 23.12
CA ASP A 115 9.56 6.69 24.20
C ASP A 115 8.59 7.77 24.68
N ASN A 116 9.08 8.77 25.42
CA ASN A 116 8.15 9.73 26.00
C ASN A 116 7.38 10.47 24.93
N SER A 117 7.97 10.69 23.76
CA SER A 117 7.37 11.55 22.74
C SER A 117 6.81 10.80 21.54
N ASN A 118 7.47 9.72 21.12
CA ASN A 118 7.28 9.16 19.79
C ASN A 118 6.99 7.66 19.84
N LEU A 119 6.38 7.20 18.74
CA LEU A 119 6.27 5.79 18.37
C LEU A 119 7.26 5.51 17.25
N TYR A 120 7.84 4.32 17.25
CA TYR A 120 8.84 3.95 16.25
C TYR A 120 8.53 2.57 15.67
N MET A 121 8.50 2.49 14.34
CA MET A 121 8.38 1.22 13.63
C MET A 121 9.57 1.10 12.70
N VAL A 122 10.39 0.08 12.91
CA VAL A 122 11.63 -0.10 12.16
C VAL A 122 11.44 -1.27 11.20
N MET A 123 11.46 -0.95 9.90
CA MET A 123 11.14 -1.87 8.82
C MET A 123 12.36 -2.12 7.95
N GLU A 124 12.32 -3.24 7.24
CA GLU A 124 13.30 -3.48 6.20
C GLU A 124 13.42 -2.26 5.27
N TYR A 125 14.65 -1.87 4.98
CA TYR A 125 14.89 -0.78 4.04
C TYR A 125 14.72 -1.31 2.60
N VAL A 126 13.88 -0.63 1.83
CA VAL A 126 13.59 -1.03 0.46
C VAL A 126 14.23 0.04 -0.42
N PRO A 127 15.38 -0.23 -1.02
CA PRO A 127 16.23 0.85 -1.53
C PRO A 127 15.83 1.39 -2.89
N GLY A 128 14.92 0.72 -3.61
CA GLY A 128 14.59 1.10 -4.97
C GLY A 128 13.70 2.31 -5.11
N GLY A 129 13.17 2.82 -4.00
CA GLY A 129 12.33 4.00 -4.05
C GLY A 129 10.88 3.67 -4.27
N GLU A 130 10.07 4.73 -4.25
CA GLU A 130 8.62 4.58 -4.43
C GLU A 130 8.27 4.33 -5.89
N MET A 131 7.30 3.45 -6.14
CA MET A 131 6.76 3.34 -7.49
C MET A 131 6.39 4.71 -8.05
N PHE A 132 5.80 5.55 -7.21
CA PHE A 132 5.39 6.90 -7.59
C PHE A 132 6.50 7.61 -8.36
N SER A 133 7.72 7.55 -7.84
CA SER A 133 8.82 8.31 -8.44
C SER A 133 9.14 7.80 -9.83
N HIS A 134 9.23 6.48 -9.97
CA HIS A 134 9.55 5.87 -11.25
C HIS A 134 8.44 6.08 -12.26
N LEU A 135 7.18 5.98 -11.80
CA LEU A 135 6.04 6.14 -12.68
C LEU A 135 5.94 7.56 -13.22
N ARG A 136 6.11 8.57 -12.35
CA ARG A 136 6.06 9.95 -12.81
C ARG A 136 7.19 10.24 -13.78
N ARG A 137 8.39 9.73 -13.50
CA ARG A 137 9.52 10.02 -14.36
C ARG A 137 9.36 9.41 -15.75
N ILE A 138 8.95 8.13 -15.81
CA ILE A 138 8.89 7.45 -17.10
C ILE A 138 7.61 7.78 -17.84
N GLY A 139 6.63 8.35 -17.15
CA GLY A 139 5.36 8.71 -17.75
C GLY A 139 4.30 7.67 -17.48
N ARG A 140 4.47 6.50 -18.10
CA ARG A 140 3.58 5.37 -17.88
C ARG A 140 4.36 4.08 -18.08
N PHE A 141 3.78 3.00 -17.57
CA PHE A 141 4.32 1.66 -17.71
C PHE A 141 3.62 0.97 -18.88
N SER A 142 4.35 0.08 -19.55
CA SER A 142 3.71 -0.77 -20.53
C SER A 142 2.70 -1.68 -19.85
N GLU A 143 1.79 -2.24 -20.63
CA GLU A 143 0.82 -3.14 -20.01
C GLU A 143 1.49 -4.37 -19.39
N PRO A 144 2.49 -4.99 -20.00
CA PRO A 144 3.16 -6.11 -19.30
C PRO A 144 3.81 -5.69 -18.00
N HIS A 145 4.38 -4.49 -17.95
N HIS A 145 4.41 -4.49 -18.00
CA HIS A 145 5.00 -4.05 -16.70
CA HIS A 145 5.02 -3.90 -16.82
C HIS A 145 3.94 -3.69 -15.67
C HIS A 145 3.99 -3.65 -15.72
N ALA A 146 2.88 -3.01 -16.08
CA ALA A 146 1.78 -2.76 -15.14
C ALA A 146 1.18 -4.06 -14.62
N ARG A 147 1.05 -5.05 -15.50
N ARG A 147 1.08 -5.07 -15.49
CA ARG A 147 0.52 -6.35 -15.13
CA ARG A 147 0.49 -6.35 -15.08
C ARG A 147 1.37 -6.99 -14.04
C ARG A 147 1.37 -7.06 -14.06
N PHE A 148 2.70 -6.98 -14.23
CA PHE A 148 3.63 -7.57 -13.27
C PHE A 148 3.41 -7.00 -11.87
N TYR A 149 3.36 -5.67 -11.75
CA TYR A 149 3.07 -5.02 -10.47
C TYR A 149 1.65 -5.33 -9.99
N ALA A 150 0.66 -5.26 -10.88
CA ALA A 150 -0.73 -5.52 -10.48
C ALA A 150 -0.88 -6.92 -9.89
N ALA A 151 -0.21 -7.91 -10.49
CA ALA A 151 -0.35 -9.29 -10.01
C ALA A 151 0.09 -9.42 -8.55
N GLN A 152 1.13 -8.67 -8.18
CA GLN A 152 1.61 -8.69 -6.80
C GLN A 152 0.58 -8.09 -5.86
N ILE A 153 -0.07 -7.00 -6.28
CA ILE A 153 -1.13 -6.43 -5.45
C ILE A 153 -2.31 -7.40 -5.32
N VAL A 154 -2.70 -8.06 -6.42
CA VAL A 154 -3.81 -9.01 -6.36
C VAL A 154 -3.54 -10.08 -5.30
N LEU A 155 -2.33 -10.63 -5.33
CA LEU A 155 -1.98 -11.67 -4.37
C LEU A 155 -1.90 -11.12 -2.95
N THR A 156 -1.38 -9.91 -2.81
CA THR A 156 -1.29 -9.30 -1.48
C THR A 156 -2.67 -9.05 -0.91
N PHE A 157 -3.59 -8.54 -1.72
CA PHE A 157 -4.96 -8.35 -1.23
C PHE A 157 -5.69 -9.67 -0.98
N GLU A 158 -5.43 -10.70 -1.80
CA GLU A 158 -5.97 -12.01 -1.47
C GLU A 158 -5.52 -12.44 -0.09
N TYR A 159 -4.23 -12.28 0.19
CA TYR A 159 -3.71 -12.63 1.51
C TYR A 159 -4.34 -11.77 2.60
N LEU A 160 -4.28 -10.44 2.47
CA LEU A 160 -4.79 -9.56 3.53
C LEU A 160 -6.27 -9.81 3.77
N HIS A 161 -7.06 -9.87 2.69
CA HIS A 161 -8.50 -10.02 2.88
C HIS A 161 -8.85 -11.34 3.53
N SER A 162 -8.07 -12.40 3.27
CA SER A 162 -8.36 -13.68 3.90
C SER A 162 -8.18 -13.65 5.42
N LEU A 163 -7.39 -12.68 5.92
CA LEU A 163 -7.15 -12.45 7.33
C LEU A 163 -8.13 -11.45 7.90
N ASP A 164 -9.16 -11.08 7.15
CA ASP A 164 -10.16 -10.09 7.54
C ASP A 164 -9.57 -8.69 7.60
N LEU A 165 -8.50 -8.43 6.85
CA LEU A 165 -7.85 -7.12 6.80
C LEU A 165 -8.28 -6.37 5.56
N ILE A 166 -8.57 -5.07 5.73
CA ILE A 166 -8.75 -4.17 4.60
C ILE A 166 -7.59 -3.19 4.66
N TYR A 167 -7.06 -2.82 3.49
CA TYR A 167 -5.82 -2.05 3.42
C TYR A 167 -6.08 -0.54 3.38
N ARG A 168 -6.90 -0.08 2.44
CA ARG A 168 -7.51 1.26 2.41
C ARG A 168 -6.56 2.40 2.05
N ASP A 169 -5.36 2.14 1.55
CA ASP A 169 -4.59 3.29 1.04
C ASP A 169 -3.67 2.89 -0.08
N LEU A 170 -4.15 2.08 -1.01
CA LEU A 170 -3.36 1.75 -2.19
C LEU A 170 -3.11 2.97 -3.06
N LYS A 171 -1.84 3.15 -3.45
CA LYS A 171 -1.39 4.21 -4.34
C LYS A 171 0.09 4.02 -4.59
N PRO A 172 0.61 4.52 -5.71
CA PRO A 172 2.03 4.33 -6.01
C PRO A 172 2.97 4.88 -4.95
N GLU A 173 2.55 5.90 -4.22
CA GLU A 173 3.35 6.45 -3.12
C GLU A 173 3.63 5.43 -2.04
N ASN A 174 2.79 4.41 -1.91
CA ASN A 174 2.93 3.45 -0.83
C ASN A 174 3.52 2.12 -1.29
N LEU A 175 4.01 2.05 -2.52
CA LEU A 175 4.56 0.82 -3.07
C LEU A 175 6.03 1.04 -3.33
N LEU A 176 6.89 0.34 -2.63
CA LEU A 176 8.32 0.47 -2.79
C LEU A 176 8.82 -0.65 -3.71
N ILE A 177 9.90 -0.35 -4.42
CA ILE A 177 10.50 -1.29 -5.35
C ILE A 177 11.79 -1.80 -4.73
N ASP A 178 11.89 -3.12 -4.59
CA ASP A 178 13.07 -3.68 -3.93
C ASP A 178 14.17 -3.99 -4.94
N GLN A 179 15.28 -4.54 -4.45
CA GLN A 179 16.44 -4.72 -5.32
C GLN A 179 16.25 -5.82 -6.35
N GLN A 180 15.19 -6.62 -6.26
CA GLN A 180 14.83 -7.58 -7.30
C GLN A 180 13.78 -7.03 -8.26
N GLY A 181 13.34 -5.79 -8.08
CA GLY A 181 12.31 -5.20 -8.91
C GLY A 181 10.89 -5.51 -8.48
N TYR A 182 10.71 -6.14 -7.34
CA TYR A 182 9.38 -6.49 -6.86
C TYR A 182 8.88 -5.45 -5.87
N ILE A 183 7.57 -5.49 -5.62
CA ILE A 183 6.86 -4.52 -4.78
C ILE A 183 6.93 -4.92 -3.32
N GLN A 184 7.07 -3.91 -2.46
CA GLN A 184 6.78 -4.05 -1.03
C GLN A 184 5.80 -2.96 -0.65
N VAL A 185 4.62 -3.36 -0.17
CA VAL A 185 3.60 -2.44 0.31
C VAL A 185 3.99 -1.92 1.67
N THR A 186 3.91 -0.61 1.85
N THR A 186 3.92 -0.60 1.83
CA THR A 186 4.08 0.00 3.16
CA THR A 186 4.15 0.08 3.11
C THR A 186 2.90 0.91 3.46
C THR A 186 2.86 0.78 3.56
N ASP A 187 3.00 1.56 4.61
CA ASP A 187 1.97 2.43 5.15
C ASP A 187 0.66 1.71 5.42
N PHE A 188 0.65 1.00 6.54
CA PHE A 188 -0.55 0.35 7.01
C PHE A 188 -1.35 1.24 7.96
N GLY A 189 -1.22 2.56 7.83
CA GLY A 189 -1.89 3.50 8.72
C GLY A 189 -3.40 3.43 8.74
N PHE A 190 -4.02 2.94 7.67
CA PHE A 190 -5.48 2.81 7.60
C PHE A 190 -5.90 1.34 7.56
N ALA A 191 -4.97 0.41 7.69
CA ALA A 191 -5.34 -0.99 7.64
C ALA A 191 -6.13 -1.36 8.90
N LYS A 192 -7.11 -2.25 8.73
CA LYS A 192 -8.03 -2.56 9.81
C LYS A 192 -8.50 -3.99 9.69
N ARG A 193 -8.61 -4.68 10.83
CA ARG A 193 -9.15 -6.03 10.85
C ARG A 193 -10.62 -5.95 11.20
N VAL A 194 -11.47 -6.39 10.28
CA VAL A 194 -12.90 -6.19 10.47
C VAL A 194 -13.64 -7.29 9.74
N LYS A 195 -14.62 -7.89 10.41
CA LYS A 195 -15.48 -8.86 9.74
C LYS A 195 -16.77 -8.25 9.22
N GLY A 196 -17.32 -7.26 9.90
CA GLY A 196 -18.45 -6.54 9.35
C GLY A 196 -18.07 -5.58 8.24
N ARG A 197 -19.01 -4.72 7.95
CA ARG A 197 -18.75 -3.48 7.27
C ARG A 197 -18.06 -2.50 8.22
N THR A 198 -17.46 -1.46 7.65
CA THR A 198 -16.94 -0.36 8.44
C THR A 198 -17.28 0.94 7.73
N TRP A 199 -16.99 2.07 8.39
CA TRP A 199 -17.56 3.35 7.97
C TRP A 199 -16.57 4.52 7.90
N TPO A 200 -15.32 4.33 8.31
CA TPO A 200 -14.43 5.48 8.44
CB TPO A 200 -13.12 5.06 9.10
CG2 TPO A 200 -12.23 6.28 9.26
OG1 TPO A 200 -13.39 4.54 10.39
P TPO A 200 -12.84 3.06 10.66
O1P TPO A 200 -11.34 2.96 10.60
O2P TPO A 200 -13.50 2.57 12.00
O3P TPO A 200 -13.44 2.18 9.47
C TPO A 200 -14.12 6.13 7.09
O TPO A 200 -13.75 5.46 6.15
HA TPO A 200 -14.88 6.15 8.99
HB TPO A 200 -12.64 4.29 8.49
HG21 TPO A 200 -11.42 6.06 9.96
HG22 TPO A 200 -12.81 7.11 9.65
HG23 TPO A 200 -11.80 6.55 8.30
N LEU A 201 -14.24 7.45 7.04
CA LEU A 201 -13.79 8.21 5.88
C LEU A 201 -12.28 8.30 5.92
N CYS A 202 -11.61 7.53 5.08
CA CYS A 202 -10.16 7.57 4.99
C CYS A 202 -9.74 7.02 3.64
N GLY A 203 -8.51 7.36 3.26
CA GLY A 203 -7.89 6.99 2.01
C GLY A 203 -7.30 8.22 1.36
N THR A 204 -7.06 8.12 0.07
CA THR A 204 -6.51 9.23 -0.72
C THR A 204 -7.50 9.58 -1.82
N PRO A 205 -7.77 10.88 -2.06
CA PRO A 205 -8.93 11.25 -2.91
C PRO A 205 -9.04 10.49 -4.22
N GLU A 206 -7.98 10.43 -5.02
CA GLU A 206 -8.03 9.79 -6.33
C GLU A 206 -8.41 8.31 -6.26
N TYR A 207 -8.18 7.67 -5.11
CA TYR A 207 -8.33 6.23 -4.94
C TYR A 207 -9.59 5.84 -4.15
N LEU A 208 -10.39 6.80 -3.69
CA LEU A 208 -11.56 6.48 -2.88
C LEU A 208 -12.66 5.84 -3.70
N ALA A 209 -13.22 4.76 -3.19
CA ALA A 209 -14.39 4.16 -3.81
C ALA A 209 -15.64 5.02 -3.59
N PRO A 210 -16.61 4.94 -4.49
CA PRO A 210 -17.83 5.76 -4.37
C PRO A 210 -18.50 5.59 -3.03
N GLU A 211 -18.54 4.35 -2.53
CA GLU A 211 -19.26 4.11 -1.29
C GLU A 211 -18.58 4.76 -0.10
N ILE A 212 -17.26 4.99 -0.15
CA ILE A 212 -16.61 5.78 0.89
C ILE A 212 -17.07 7.23 0.79
N ILE A 213 -16.98 7.81 -0.40
CA ILE A 213 -17.38 9.21 -0.60
C ILE A 213 -18.80 9.45 -0.14
N LEU A 214 -19.70 8.50 -0.41
CA LEU A 214 -21.12 8.64 -0.14
C LEU A 214 -21.52 8.21 1.28
N SER A 215 -20.54 7.92 2.12
CA SER A 215 -20.77 7.65 3.55
C SER A 215 -21.70 6.46 3.74
N LYS A 216 -21.47 5.42 2.95
CA LYS A 216 -22.09 4.13 3.18
C LYS A 216 -21.15 3.25 4.00
N GLY A 217 -21.71 2.21 4.60
CA GLY A 217 -20.86 1.15 5.08
C GLY A 217 -20.18 0.48 3.90
N TYR A 218 -18.94 0.04 4.12
CA TYR A 218 -18.19 -0.54 3.03
C TYR A 218 -17.34 -1.68 3.56
N ASN A 219 -16.73 -2.41 2.64
CA ASN A 219 -15.95 -3.58 3.01
C ASN A 219 -14.73 -3.67 2.10
N LYS A 220 -14.16 -4.87 2.00
CA LYS A 220 -12.93 -5.05 1.23
C LYS A 220 -13.06 -4.69 -0.24
N ALA A 221 -14.28 -4.59 -0.76
CA ALA A 221 -14.45 -4.17 -2.15
C ALA A 221 -13.81 -2.82 -2.42
N VAL A 222 -13.60 -1.98 -1.40
CA VAL A 222 -12.96 -0.70 -1.70
C VAL A 222 -11.52 -0.90 -2.17
N ASP A 223 -10.84 -1.96 -1.70
CA ASP A 223 -9.48 -2.23 -2.12
C ASP A 223 -9.46 -2.64 -3.59
N TRP A 224 -10.49 -3.38 -4.04
CA TRP A 224 -10.51 -3.81 -5.44
C TRP A 224 -10.81 -2.62 -6.36
N TRP A 225 -11.67 -1.70 -5.92
CA TRP A 225 -11.82 -0.42 -6.66
C TRP A 225 -10.47 0.27 -6.76
N ALA A 226 -9.76 0.36 -5.64
CA ALA A 226 -8.48 1.07 -5.67
C ALA A 226 -7.46 0.38 -6.57
N LEU A 227 -7.50 -0.96 -6.67
CA LEU A 227 -6.66 -1.67 -7.64
C LEU A 227 -6.97 -1.18 -9.05
N GLY A 228 -8.25 -1.02 -9.38
CA GLY A 228 -8.60 -0.48 -10.69
C GLY A 228 -7.97 0.88 -10.94
N VAL A 229 -8.01 1.76 -9.92
CA VAL A 229 -7.37 3.07 -10.05
C VAL A 229 -5.88 2.91 -10.27
N LEU A 230 -5.24 2.01 -9.51
CA LEU A 230 -3.80 1.83 -9.63
C LEU A 230 -3.39 1.30 -11.00
N ILE A 231 -4.08 0.24 -11.48
CA ILE A 231 -3.76 -0.30 -12.79
C ILE A 231 -3.93 0.79 -13.84
N TYR A 232 -5.03 1.53 -13.79
CA TYR A 232 -5.26 2.62 -14.72
C TYR A 232 -4.10 3.61 -14.68
N GLU A 233 -3.74 4.07 -13.47
CA GLU A 233 -2.69 5.08 -13.39
C GLU A 233 -1.35 4.53 -13.89
N MET A 234 -1.03 3.29 -13.55
CA MET A 234 0.24 2.73 -14.04
C MET A 234 0.28 2.70 -15.55
N ALA A 235 -0.82 2.29 -16.20
CA ALA A 235 -0.84 2.10 -17.64
C ALA A 235 -1.12 3.38 -18.43
N ALA A 236 -1.77 4.36 -17.82
CA ALA A 236 -2.06 5.62 -18.51
C ALA A 236 -1.04 6.70 -18.21
N GLY A 237 -0.47 6.68 -17.01
CA GLY A 237 0.38 7.77 -16.56
C GLY A 237 -0.34 8.84 -15.77
N TYR A 238 -1.67 8.74 -15.67
CA TYR A 238 -2.50 9.64 -14.88
C TYR A 238 -3.67 8.82 -14.36
N PRO A 239 -4.30 9.23 -13.26
CA PRO A 239 -5.38 8.43 -12.72
C PRO A 239 -6.67 8.67 -13.46
N PRO A 240 -7.66 7.80 -13.26
CA PRO A 240 -8.92 7.92 -14.02
C PRO A 240 -9.78 9.11 -13.60
N PHE A 241 -9.58 9.65 -12.41
CA PHE A 241 -10.37 10.76 -11.88
C PHE A 241 -9.39 11.75 -11.27
N PHE A 242 -9.19 12.90 -11.89
CA PHE A 242 -8.33 13.92 -11.29
C PHE A 242 -8.87 15.31 -11.58
N ALA A 243 -8.52 16.24 -10.70
CA ALA A 243 -8.94 17.62 -10.73
C ALA A 243 -8.16 18.34 -9.64
N ASP A 244 -8.07 19.66 -9.74
CA ASP A 244 -7.24 20.39 -8.78
C ASP A 244 -7.89 20.47 -7.41
N GLN A 245 -9.22 20.38 -7.34
CA GLN A 245 -9.98 20.41 -6.08
C GLN A 245 -10.52 19.02 -5.77
N PRO A 246 -10.31 18.49 -4.55
CA PRO A 246 -10.82 17.13 -4.26
C PRO A 246 -12.33 16.97 -4.50
N ILE A 247 -13.16 17.98 -4.19
CA ILE A 247 -14.59 17.80 -4.44
C ILE A 247 -14.84 17.49 -5.91
N GLN A 248 -14.07 18.07 -6.82
CA GLN A 248 -14.28 17.75 -8.23
C GLN A 248 -13.85 16.32 -8.54
N ILE A 249 -12.85 15.79 -7.83
CA ILE A 249 -12.47 14.40 -7.99
C ILE A 249 -13.62 13.50 -7.53
N TYR A 250 -14.20 13.81 -6.38
CA TYR A 250 -15.31 13.01 -5.86
C TYR A 250 -16.50 13.01 -6.81
N GLU A 251 -16.84 14.16 -7.40
CA GLU A 251 -17.96 14.19 -8.34
C GLU A 251 -17.71 13.25 -9.51
N LYS A 252 -16.45 13.18 -9.99
CA LYS A 252 -16.14 12.30 -11.09
C LYS A 252 -16.24 10.83 -10.67
N ILE A 253 -15.75 10.51 -9.48
CA ILE A 253 -15.75 9.13 -9.01
C ILE A 253 -17.17 8.59 -8.94
N VAL A 254 -18.09 9.38 -8.36
CA VAL A 254 -19.44 8.85 -8.15
C VAL A 254 -20.30 8.92 -9.40
N SER A 255 -19.82 9.55 -10.48
CA SER A 255 -20.67 9.77 -11.65
C SER A 255 -21.02 8.47 -12.38
N GLY A 256 -20.17 7.46 -12.25
CA GLY A 256 -20.31 6.24 -13.02
C GLY A 256 -19.67 6.28 -14.39
N LYS A 257 -18.99 7.38 -14.73
CA LYS A 257 -18.32 7.52 -16.01
C LYS A 257 -16.83 7.36 -15.84
N VAL A 258 -16.19 6.70 -16.81
CA VAL A 258 -14.74 6.59 -16.89
C VAL A 258 -14.35 6.53 -18.37
N ARG A 259 -13.23 7.18 -18.73
CA ARG A 259 -12.70 7.13 -20.08
C ARG A 259 -11.30 6.56 -20.07
N PHE A 260 -10.94 5.86 -21.16
CA PHE A 260 -9.67 5.17 -21.25
C PHE A 260 -8.81 5.75 -22.36
N PRO A 261 -7.48 5.75 -22.20
CA PRO A 261 -6.59 6.18 -23.29
C PRO A 261 -6.75 5.29 -24.51
N SER A 262 -6.46 5.86 -25.69
CA SER A 262 -6.59 5.14 -26.95
C SER A 262 -5.73 3.90 -27.00
N HIS A 263 -4.60 3.90 -26.28
CA HIS A 263 -3.65 2.78 -26.37
C HIS A 263 -3.99 1.63 -25.42
N PHE A 264 -4.98 1.78 -24.54
CA PHE A 264 -5.36 0.69 -23.66
C PHE A 264 -5.91 -0.46 -24.50
N SER A 265 -5.43 -1.67 -24.21
CA SER A 265 -5.94 -2.85 -24.89
C SER A 265 -7.41 -3.09 -24.52
N SER A 266 -8.10 -3.85 -25.38
N SER A 266 -8.09 -3.85 -25.38
CA SER A 266 -9.49 -4.18 -25.10
CA SER A 266 -9.49 -4.18 -25.12
C SER A 266 -9.63 -4.93 -23.80
C SER A 266 -9.64 -4.95 -23.81
N ASP A 267 -8.72 -5.90 -23.56
CA ASP A 267 -8.77 -6.65 -22.31
C ASP A 267 -8.59 -5.73 -21.10
N LEU A 268 -7.64 -4.79 -21.18
CA LEU A 268 -7.41 -3.91 -20.04
C LEU A 268 -8.66 -3.10 -19.72
N LYS A 269 -9.29 -2.52 -20.75
CA LYS A 269 -10.50 -1.75 -20.53
C LYS A 269 -11.59 -2.61 -19.91
N ASP A 270 -11.70 -3.87 -20.34
CA ASP A 270 -12.73 -4.73 -19.78
C ASP A 270 -12.48 -4.96 -18.30
N LEU A 271 -11.23 -5.27 -17.93
CA LEU A 271 -10.92 -5.48 -16.52
C LEU A 271 -11.22 -4.24 -15.69
N LEU A 272 -10.81 -3.07 -16.18
CA LEU A 272 -11.01 -1.84 -15.43
C LEU A 272 -12.49 -1.46 -15.32
N ARG A 273 -13.30 -1.72 -16.35
CA ARG A 273 -14.74 -1.48 -16.22
C ARG A 273 -15.34 -2.32 -15.10
N ASN A 274 -14.78 -3.50 -14.87
CA ASN A 274 -15.29 -4.38 -13.84
C ASN A 274 -14.72 -4.06 -12.46
N LEU A 275 -13.53 -3.48 -12.37
CA LEU A 275 -12.99 -3.02 -11.09
C LEU A 275 -13.54 -1.67 -10.70
N LEU A 276 -13.66 -0.76 -11.66
CA LEU A 276 -14.14 0.61 -11.42
C LEU A 276 -15.65 0.67 -11.59
N GLN A 277 -16.29 -0.32 -10.98
CA GLN A 277 -17.73 -0.50 -11.01
C GLN A 277 -18.35 0.13 -9.77
N VAL A 278 -19.19 1.14 -9.97
CA VAL A 278 -19.81 1.80 -8.83
C VAL A 278 -20.77 0.86 -8.11
N ASP A 279 -21.40 -0.07 -8.84
CA ASP A 279 -22.39 -0.99 -8.28
C ASP A 279 -21.66 -2.15 -7.61
N LEU A 280 -21.77 -2.24 -6.28
CA LEU A 280 -21.06 -3.27 -5.53
C LEU A 280 -21.46 -4.67 -5.98
N THR A 281 -22.67 -4.84 -6.48
CA THR A 281 -23.15 -6.16 -6.89
C THR A 281 -22.58 -6.59 -8.22
N LYS A 282 -21.69 -5.78 -8.80
CA LYS A 282 -21.12 -6.08 -10.08
C LYS A 282 -19.61 -5.97 -10.07
N ARG A 283 -19.02 -5.55 -8.95
CA ARG A 283 -17.60 -5.19 -8.93
C ARG A 283 -16.74 -6.43 -8.74
N PHE A 284 -15.80 -6.63 -9.66
CA PHE A 284 -14.87 -7.75 -9.54
C PHE A 284 -14.13 -7.70 -8.21
N GLY A 285 -13.91 -8.88 -7.64
CA GLY A 285 -13.38 -9.02 -6.32
C GLY A 285 -14.45 -9.14 -5.26
N ASN A 286 -15.69 -8.78 -5.58
CA ASN A 286 -16.80 -8.77 -4.63
C ASN A 286 -17.93 -9.69 -5.06
N LEU A 287 -17.72 -10.51 -6.08
CA LEU A 287 -18.74 -11.43 -6.58
C LEU A 287 -18.55 -12.82 -5.95
N LYS A 288 -19.37 -13.78 -6.39
CA LYS A 288 -19.33 -15.12 -5.83
C LYS A 288 -17.93 -15.72 -5.93
N ASN A 289 -17.24 -15.51 -7.05
CA ASN A 289 -15.91 -16.06 -7.28
C ASN A 289 -14.80 -15.25 -6.63
N GLY A 290 -15.12 -14.14 -5.97
CA GLY A 290 -14.11 -13.38 -5.27
C GLY A 290 -12.94 -13.00 -6.15
N VAL A 291 -11.73 -13.17 -5.63
CA VAL A 291 -10.55 -12.73 -6.36
C VAL A 291 -10.36 -13.50 -7.66
N ASN A 292 -11.01 -14.65 -7.80
CA ASN A 292 -10.73 -15.43 -9.00
C ASN A 292 -11.39 -14.85 -10.24
N ASP A 293 -12.37 -13.96 -10.10
CA ASP A 293 -12.83 -13.21 -11.27
C ASP A 293 -11.71 -12.33 -11.84
N ILE A 294 -10.85 -11.82 -10.96
CA ILE A 294 -9.71 -11.02 -11.39
C ILE A 294 -8.59 -11.92 -11.91
N LYS A 295 -8.24 -12.95 -11.13
CA LYS A 295 -7.08 -13.76 -11.49
C LYS A 295 -7.28 -14.49 -12.80
N ASN A 296 -8.53 -14.81 -13.16
CA ASN A 296 -8.83 -15.53 -14.39
C ASN A 296 -9.27 -14.60 -15.52
N HIS A 297 -9.19 -13.29 -15.35
CA HIS A 297 -9.54 -12.37 -16.42
C HIS A 297 -8.51 -12.48 -17.55
N LYS A 298 -9.00 -12.27 -18.78
CA LYS A 298 -8.13 -12.39 -19.96
C LYS A 298 -6.86 -11.53 -19.85
N TRP A 299 -6.95 -10.35 -19.22
CA TRP A 299 -5.78 -9.49 -19.14
C TRP A 299 -4.66 -10.15 -18.34
N PHE A 300 -5.00 -11.08 -17.43
CA PHE A 300 -4.01 -11.80 -16.64
C PHE A 300 -3.69 -13.20 -17.18
N ALA A 301 -4.09 -13.51 -18.42
CA ALA A 301 -3.94 -14.89 -18.90
C ALA A 301 -2.48 -15.35 -18.93
N THR A 302 -1.55 -14.42 -19.15
CA THR A 302 -0.13 -14.78 -19.18
C THR A 302 0.50 -14.85 -17.79
N THR A 303 -0.23 -14.50 -16.74
CA THR A 303 0.36 -14.37 -15.40
C THR A 303 0.44 -15.73 -14.72
N ASP A 304 1.66 -16.11 -14.33
CA ASP A 304 1.91 -17.32 -13.56
C ASP A 304 1.90 -16.92 -12.10
N TRP A 305 0.75 -17.09 -11.44
CA TRP A 305 0.56 -16.54 -10.10
C TRP A 305 1.57 -17.11 -9.11
N ILE A 306 1.91 -18.39 -9.25
CA ILE A 306 2.89 -19.00 -8.34
C ILE A 306 4.29 -18.45 -8.61
N ALA A 307 4.65 -18.29 -9.89
CA ALA A 307 5.97 -17.75 -10.23
C ALA A 307 6.14 -16.34 -9.68
N ILE A 308 5.06 -15.55 -9.69
CA ILE A 308 5.13 -14.21 -9.12
C ILE A 308 5.38 -14.28 -7.63
N TYR A 309 4.59 -15.10 -6.94
CA TYR A 309 4.75 -15.27 -5.50
C TYR A 309 6.18 -15.69 -5.16
N GLN A 310 6.76 -16.58 -5.96
CA GLN A 310 8.10 -17.09 -5.74
C GLN A 310 9.18 -16.13 -6.22
N ARG A 311 8.80 -15.01 -6.83
CA ARG A 311 9.73 -14.01 -7.33
C ARG A 311 10.66 -14.59 -8.37
N LYS A 312 10.13 -15.52 -9.17
CA LYS A 312 10.87 -16.16 -10.24
C LYS A 312 10.64 -15.52 -11.60
N VAL A 313 9.79 -14.51 -11.69
CA VAL A 313 9.50 -13.82 -12.93
C VAL A 313 10.47 -12.67 -13.09
N GLU A 314 11.02 -12.53 -14.29
CA GLU A 314 11.92 -11.43 -14.57
C GLU A 314 11.20 -10.09 -14.42
N ALA A 315 11.78 -9.19 -13.61
CA ALA A 315 11.15 -7.92 -13.37
C ALA A 315 11.33 -6.94 -14.54
N PRO A 316 10.43 -5.97 -14.65
CA PRO A 316 10.58 -4.93 -15.69
C PRO A 316 11.87 -4.14 -15.59
N PHE A 317 12.29 -3.76 -14.38
CA PHE A 317 13.57 -3.13 -14.19
C PHE A 317 14.06 -3.39 -12.78
N ILE A 318 15.37 -3.34 -12.64
CA ILE A 318 16.06 -3.40 -11.35
C ILE A 318 16.47 -1.97 -10.99
N PRO A 319 16.07 -1.44 -9.84
CA PRO A 319 16.51 -0.09 -9.49
C PRO A 319 18.03 0.00 -9.40
N LYS A 320 18.55 1.17 -9.75
CA LYS A 320 19.98 1.41 -9.64
C LYS A 320 20.40 1.37 -8.18
N PHE A 321 21.58 0.82 -7.91
CA PHE A 321 22.05 0.64 -6.54
C PHE A 321 23.53 1.00 -6.49
N LYS A 322 23.87 2.07 -5.80
CA LYS A 322 25.27 2.51 -5.72
C LYS A 322 26.03 1.84 -4.59
N GLY A 323 25.32 1.35 -3.58
CA GLY A 323 25.93 0.68 -2.46
C GLY A 323 24.97 0.61 -1.30
N PRO A 324 25.37 -0.05 -0.22
CA PRO A 324 24.52 -0.08 0.98
C PRO A 324 24.33 1.33 1.52
N GLY A 325 23.11 1.60 2.00
CA GLY A 325 22.78 2.89 2.56
C GLY A 325 22.59 4.01 1.57
N ASP A 326 22.61 3.71 0.27
CA ASP A 326 22.41 4.72 -0.77
C ASP A 326 20.93 5.09 -0.83
N THR A 327 20.65 6.39 -0.99
CA THR A 327 19.26 6.88 -1.04
C THR A 327 18.92 7.57 -2.35
N SER A 328 19.69 7.34 -3.41
N SER A 328 19.69 7.33 -3.41
CA SER A 328 19.51 8.13 -4.62
CA SER A 328 19.54 8.08 -4.65
C SER A 328 18.19 7.88 -5.34
C SER A 328 18.16 7.91 -5.29
N ASN A 329 17.47 6.81 -4.98
CA ASN A 329 16.14 6.59 -5.53
C ASN A 329 15.04 7.29 -4.76
N PHE A 330 15.41 8.08 -3.75
CA PHE A 330 14.48 8.83 -2.91
C PHE A 330 14.76 10.31 -3.04
N ASP A 331 13.69 11.10 -2.92
CA ASP A 331 13.82 12.54 -2.87
C ASP A 331 14.51 12.98 -1.58
N ASP A 332 14.98 14.23 -1.59
CA ASP A 332 15.56 14.84 -0.40
C ASP A 332 14.50 15.61 0.36
N TYR A 333 14.56 15.52 1.69
CA TYR A 333 13.61 16.19 2.57
C TYR A 333 14.38 16.99 3.60
N GLU A 334 13.77 18.08 4.05
CA GLU A 334 14.33 18.85 5.15
C GLU A 334 14.45 17.96 6.38
N GLU A 335 15.61 18.01 7.03
CA GLU A 335 15.85 17.19 8.21
C GLU A 335 15.44 17.95 9.47
N GLU A 336 14.79 17.23 10.39
CA GLU A 336 14.38 17.78 11.67
C GLU A 336 14.92 16.90 12.78
N GLU A 337 15.43 17.53 13.84
CA GLU A 337 16.02 16.80 14.95
C GLU A 337 14.94 16.09 15.75
N ILE A 338 15.22 14.85 16.16
CA ILE A 338 14.27 14.08 16.95
C ILE A 338 14.38 14.53 18.40
N ARG A 339 13.28 15.03 18.93
CA ARG A 339 13.23 15.54 20.30
C ARG A 339 12.46 14.56 21.15
N VAL A 340 13.04 14.17 22.28
CA VAL A 340 12.35 13.31 23.22
C VAL A 340 12.14 14.11 24.49
N SEP A 341 10.87 14.35 24.81
CA SEP A 341 10.54 15.12 26.00
CB SEP A 341 9.04 15.44 26.00
OG SEP A 341 8.64 15.96 27.25
C SEP A 341 10.95 14.39 27.28
O SEP A 341 11.12 13.17 27.28
P SEP A 341 8.73 17.56 27.30
O1P SEP A 341 8.39 18.21 25.88
O2P SEP A 341 10.22 17.93 27.76
O3P SEP A 341 7.65 17.97 28.40
N ILE A 342 11.14 15.14 28.36
CA ILE A 342 11.49 14.53 29.66
C ILE A 342 10.25 14.01 30.37
N ASN A 343 9.07 14.32 29.82
CA ASN A 343 7.80 13.87 30.37
C ASN A 343 7.12 12.93 29.39
N GLU A 344 6.52 11.86 29.90
CA GLU A 344 5.80 10.92 29.05
C GLU A 344 4.52 11.57 28.53
N LYS A 345 4.32 11.49 27.22
CA LYS A 345 3.12 12.02 26.58
C LYS A 345 2.20 10.87 26.18
N CYS A 346 0.91 11.03 26.48
CA CYS A 346 -0.11 10.14 25.93
C CYS A 346 0.16 8.68 26.26
N GLY A 347 0.67 8.40 27.46
CA GLY A 347 1.02 7.02 27.79
C GLY A 347 -0.17 6.07 27.78
N LYS A 348 -1.27 6.48 28.39
CA LYS A 348 -2.43 5.58 28.45
C LYS A 348 -2.94 5.27 27.05
N GLU A 349 -2.99 6.28 26.18
CA GLU A 349 -3.54 6.09 24.85
C GLU A 349 -2.79 5.04 24.05
N PHE A 350 -1.48 4.96 24.26
CA PHE A 350 -0.61 4.09 23.47
C PHE A 350 -0.04 2.93 24.29
N THR A 351 -0.70 2.58 25.40
CA THR A 351 -0.15 1.55 26.28
C THR A 351 0.13 0.23 25.57
N GLU A 352 -0.71 -0.16 24.59
CA GLU A 352 -0.48 -1.46 23.95
C GLU A 352 0.57 -1.42 22.86
N PHE A 353 1.04 -0.26 22.46
CA PHE A 353 2.01 -0.20 21.36
C PHE A 353 3.34 -0.81 21.78
N THR B 1 -4.34 17.30 -24.59
CA THR B 1 -4.36 15.88 -24.31
C THR B 1 -4.60 15.69 -22.82
N THR B 2 -5.14 14.54 -22.44
CA THR B 2 -5.42 14.35 -21.03
C THR B 2 -4.13 14.28 -20.23
N TYR B 3 -3.09 13.67 -20.81
N TYR B 3 -3.05 13.74 -20.80
CA TYR B 3 -1.75 13.70 -20.22
CA TYR B 3 -1.80 13.73 -20.05
C TYR B 3 -1.33 15.13 -19.91
C TYR B 3 -1.24 15.14 -19.90
N ALA B 4 -1.39 16.00 -20.90
CA ALA B 4 -0.96 17.39 -20.71
C ALA B 4 -1.79 18.06 -19.63
N ASP B 5 -3.10 17.76 -19.57
CA ASP B 5 -3.92 18.34 -18.53
C ASP B 5 -3.49 17.84 -17.16
N PHE B 6 -3.11 16.56 -17.06
CA PHE B 6 -2.64 16.04 -15.78
C PHE B 6 -1.36 16.74 -15.35
N ILE B 7 -0.37 16.82 -16.25
CA ILE B 7 0.95 17.37 -15.91
C ILE B 7 0.88 18.83 -15.49
N ALA B 8 -0.12 19.57 -15.98
CA ALA B 8 -0.33 20.96 -15.61
C ALA B 8 -1.22 21.11 -14.39
N SER B 9 -1.76 20.01 -13.89
CA SER B 9 -2.63 20.05 -12.72
C SER B 9 -1.80 20.19 -11.44
N GLY B 10 -2.51 20.47 -10.35
CA GLY B 10 -1.88 20.51 -9.06
C GLY B 10 -1.80 19.18 -8.36
N ARG B 11 -2.06 18.07 -9.04
CA ARG B 11 -2.15 16.76 -8.38
C ARG B 11 -1.12 15.76 -8.91
N THR B 12 0.05 16.23 -9.35
CA THR B 12 1.06 15.31 -9.86
C THR B 12 2.13 14.96 -8.84
N GLY B 13 2.16 15.63 -7.69
CA GLY B 13 3.09 15.30 -6.63
C GLY B 13 2.50 14.27 -5.70
N ARG B 14 3.22 14.00 -4.62
CA ARG B 14 2.73 12.98 -3.68
C ARG B 14 1.43 13.44 -3.06
N ARG B 15 0.46 12.53 -2.99
CA ARG B 15 -0.89 12.86 -2.57
C ARG B 15 -1.09 12.45 -1.12
N ASN B 16 -1.54 13.40 -0.32
CA ASN B 16 -1.83 13.15 1.08
C ASN B 16 -3.13 12.38 1.22
N ALA B 17 -3.17 11.55 2.25
CA ALA B 17 -4.43 10.96 2.65
C ALA B 17 -5.37 12.01 3.24
N ILE B 18 -6.65 11.67 3.26
CA ILE B 18 -7.70 12.41 3.95
C ILE B 18 -8.26 11.53 5.07
N HIS B 19 -8.97 12.17 5.99
CA HIS B 19 -9.74 11.49 7.04
C HIS B 19 -10.49 12.54 7.85
C1 MPD C . 0.64 -17.38 -4.56
C2 MPD C . -0.16 -18.06 -3.45
O2 MPD C . -1.34 -18.63 -4.05
CM MPD C . 0.67 -19.17 -2.84
C3 MPD C . -0.59 -17.05 -2.38
C4 MPD C . -1.77 -16.19 -2.83
O4 MPD C . -2.86 -17.00 -3.20
C5 MPD C . -2.25 -15.22 -1.76
C1 MPD D . 3.97 8.18 -22.12
C2 MPD D . 2.75 9.06 -21.88
O2 MPD D . 1.60 8.53 -22.60
CM MPD D . 2.43 9.08 -20.38
C3 MPD D . 3.04 10.47 -22.37
C4 MPD D . 3.63 10.49 -23.77
O4 MPD D . 2.79 9.81 -24.69
C5 MPD D . 3.79 11.93 -24.20
S DMS E . 17.72 4.46 24.72
O DMS E . 17.88 5.11 23.38
C1 DMS E . 19.07 4.95 25.83
C2 DMS E . 16.31 5.20 25.60
S DMS F . 14.93 -4.17 24.48
O DMS F . 14.12 -4.97 23.50
C1 DMS F . 16.53 -3.79 23.75
C2 DMS F . 14.26 -2.49 24.65
C LRT G . 10.98 1.21 3.81
N LRT G . 10.77 0.01 4.34
O LRT G . 9.88 6.94 3.24
C1 LRT G . 12.21 2.57 2.35
C10 LRT G . 8.05 4.27 4.21
C11 LRT G . 7.94 3.11 4.95
C12 LRT G . 8.86 2.11 4.86
C13 LRT G . 9.99 2.25 4.00
C2 LRT G . 11.31 3.60 2.44
C3 LRT G . 10.16 3.46 3.27
C4 LRT G . 9.14 4.46 3.38
C5 LRT G . 7.29 7.66 3.28
C6 LRT G . 6.22 8.55 2.69
C7 LRT G . 4.82 8.00 2.82
C8 LRT G . 5.26 5.77 1.85
C9 LRT G . 6.72 5.99 1.42
N1 LRT G . 12.10 1.40 2.99
N2 LRT G . 7.58 6.42 2.54
N3 LRT G . 4.53 7.04 1.72
O1 LRT G . 9.46 5.76 1.11
S LRT G . 9.15 5.97 2.49
C1 MRD H . 14.79 9.45 -10.58
C2 MRD H . 14.29 8.34 -9.69
O2 MRD H . 12.97 8.01 -10.16
CM MRD H . 15.18 7.10 -9.83
C3 MRD H . 14.30 8.81 -8.21
C4 MRD H . 13.45 10.04 -7.87
O4 MRD H . 13.75 11.15 -8.72
C5 MRD H . 13.72 10.44 -6.44
#